data_5IEO
#
_entry.id   5IEO
#
_cell.length_a   71.132
_cell.length_b   71.132
_cell.length_c   62.119
_cell.angle_alpha   90.000
_cell.angle_beta   90.000
_cell.angle_gamma   90.000
#
_symmetry.space_group_name_H-M   'P 41 21 2'
#
loop_
_entity.id
_entity.type
_entity.pdbx_description
1 polymer CDL2.3a
2 non-polymer 1,2-ETHANEDIOL
3 non-polymer 3-{2-[1-(5-HYDROXY-1,5-DIMETHYL-HEXYL)-7A-METHYL-OCTAHYDRO-INDEN-4-YLIDENE]-ETHYLIDENE}-4-METHYLENE-CYCLOHEXANOL
4 water water
#
_entity_poly.entity_id   1
_entity_poly.type   'polypeptide(L)'
_entity_poly.pdbx_seq_one_letter_code
;LPTAHEAIEAALADFVKVYNSKDAAGVASKYMDDAVIFPLDMARVDGRQNIQKLWQGLMDMGVSEPKFTTLNVQESGDFA
FESGSFSLKGPGKDSKLVDIAGIYVEVWRKGQDGGWKLYRTIANLDPARLEHHHHHH
;
_entity_poly.pdbx_strand_id   A
#
loop_
_chem_comp.id
_chem_comp.type
_chem_comp.name
_chem_comp.formula
EDO non-polymer 1,2-ETHANEDIOL 'C2 H6 O2'
VDY non-polymer 3-{2-[1-(5-HYDROXY-1,5-DIMETHYL-HEXYL)-7A-METHYL-OCTAHYDRO-INDEN-4-YLIDENE]-ETHYLIDENE}-4-METHYLENE-CYCLOHEXANOL 'C27 H44 O2'
#
# COMPACT_ATOMS: atom_id res chain seq x y z
N LEU A 1 14.14 9.70 -19.55
CA LEU A 1 12.92 10.26 -18.99
C LEU A 1 12.42 9.45 -17.79
N PRO A 2 11.71 10.11 -16.86
CA PRO A 2 11.18 9.41 -15.69
C PRO A 2 9.84 8.73 -16.00
N THR A 3 9.62 7.52 -15.49
CA THR A 3 8.35 6.85 -15.71
C THR A 3 7.57 6.88 -14.42
N ALA A 4 6.26 6.81 -14.54
CA ALA A 4 5.43 6.66 -13.35
C ALA A 4 5.79 5.39 -12.61
N HIS A 5 6.14 4.35 -13.36
CA HIS A 5 6.56 3.09 -12.74
C HIS A 5 7.68 3.34 -11.74
N GLU A 6 8.70 4.09 -12.15
CA GLU A 6 9.82 4.38 -11.27
C GLU A 6 9.41 5.27 -10.09
N ALA A 7 8.53 6.22 -10.34
CA ALA A 7 8.06 7.10 -9.25
C ALA A 7 7.30 6.29 -8.21
N ILE A 8 6.49 5.33 -8.66
CA ILE A 8 5.70 4.53 -7.73
C ILE A 8 6.60 3.56 -6.96
N GLU A 9 7.61 2.98 -7.62
CA GLU A 9 8.59 2.16 -6.90
C GLU A 9 9.30 2.97 -5.79
N ALA A 10 9.62 4.22 -6.08
CA ALA A 10 10.24 5.09 -5.09
C ALA A 10 9.30 5.37 -3.91
N ALA A 11 8.03 5.61 -4.20
CA ALA A 11 7.06 5.88 -3.14
C ALA A 11 6.88 4.66 -2.25
N LEU A 12 6.86 3.47 -2.85
CA LEU A 12 6.72 2.25 -2.08
C LEU A 12 7.99 1.89 -1.31
N ALA A 13 9.15 2.28 -1.83
CA ALA A 13 10.39 2.08 -1.08
C ALA A 13 10.33 2.91 0.20
N ASP A 14 9.80 4.13 0.09
CA ASP A 14 9.69 4.95 1.29
C ASP A 14 8.63 4.41 2.25
N PHE A 15 7.52 3.92 1.69
CA PHE A 15 6.48 3.26 2.47
C PHE A 15 7.09 2.17 3.33
N VAL A 16 7.91 1.31 2.74
CA VAL A 16 8.54 0.21 3.45
C VAL A 16 9.46 0.72 4.58
N LYS A 17 10.24 1.75 4.27
CA LYS A 17 11.14 2.34 5.27
C LYS A 17 10.36 2.86 6.46
N VAL A 18 9.23 3.51 6.21
CA VAL A 18 8.46 4.10 7.28
C VAL A 18 7.75 3.00 8.08
N TYR A 19 7.24 1.97 7.41
CA TYR A 19 6.68 0.83 8.12
C TYR A 19 7.71 0.22 9.06
N ASN A 20 8.91 0.01 8.55
CA ASN A 20 9.95 -0.68 9.34
C ASN A 20 10.42 0.17 10.52
N SER A 21 10.14 1.47 10.49
CA SER A 21 10.46 2.34 11.63
C SER A 21 9.32 2.35 12.66
N LYS A 22 8.31 1.52 12.45
CA LYS A 22 7.12 1.45 13.31
C LYS A 22 6.34 2.78 13.38
N ASP A 23 6.28 3.49 12.26
CA ASP A 23 5.65 4.80 12.21
C ASP A 23 4.34 4.69 11.41
N ALA A 24 3.27 4.23 12.07
CA ALA A 24 2.01 3.96 11.37
C ALA A 24 1.33 5.23 10.85
N ALA A 25 1.49 6.34 11.59
CA ALA A 25 0.96 7.62 11.13
C ALA A 25 1.71 8.04 9.87
N GLY A 26 3.01 7.74 9.84
CA GLY A 26 3.83 8.02 8.70
C GLY A 26 3.38 7.21 7.48
N VAL A 27 3.08 5.93 7.70
CA VAL A 27 2.56 5.08 6.64
C VAL A 27 1.23 5.66 6.15
N ALA A 28 0.35 5.99 7.10
CA ALA A 28 -0.99 6.45 6.76
C ALA A 28 -0.95 7.78 6.03
N SER A 29 0.08 8.58 6.28
CA SER A 29 0.21 9.87 5.61
C SER A 29 0.49 9.73 4.12
N LYS A 30 0.82 8.51 3.68
CA LYS A 30 1.05 8.25 2.26
C LYS A 30 -0.25 7.90 1.51
N TYR A 31 -1.36 7.91 2.24
CA TYR A 31 -2.70 7.77 1.70
C TYR A 31 -3.47 9.10 1.68
N MET A 32 -4.30 9.30 0.67
CA MET A 32 -5.33 10.34 0.71
C MET A 32 -6.25 10.12 1.92
N ASP A 33 -6.84 11.19 2.45
CA ASP A 33 -7.65 11.04 3.65
C ASP A 33 -8.88 10.18 3.41
N ASP A 34 -9.41 10.20 2.18
CA ASP A 34 -10.58 9.41 1.85
C ASP A 34 -10.22 8.15 1.04
N ALA A 35 -8.97 7.71 1.18
CA ALA A 35 -8.56 6.43 0.61
C ALA A 35 -9.36 5.25 1.18
N VAL A 36 -9.41 4.18 0.40
CA VAL A 36 -10.06 2.95 0.82
C VAL A 36 -9.19 1.77 0.41
N ILE A 37 -9.08 0.80 1.31
CA ILE A 37 -8.40 -0.47 1.03
C ILE A 37 -9.46 -1.56 1.06
N PHE A 38 -9.58 -2.31 -0.03
N PHE A 38 -9.57 -2.29 -0.06
CA PHE A 38 -10.52 -3.42 -0.08
CA PHE A 38 -10.48 -3.43 -0.21
C PHE A 38 -9.78 -4.74 -0.19
C PHE A 38 -9.71 -4.75 -0.21
N PRO A 39 -9.60 -5.43 0.95
CA PRO A 39 -9.04 -6.78 0.93
C PRO A 39 -10.16 -7.74 0.60
N LEU A 40 -10.04 -8.44 -0.51
CA LEU A 40 -11.16 -9.22 -1.03
C LEU A 40 -11.58 -10.28 -0.01
N ASP A 41 -12.89 -10.46 0.10
CA ASP A 41 -13.51 -11.42 1.03
C ASP A 41 -13.22 -11.05 2.48
N MET A 42 -12.87 -9.78 2.72
CA MET A 42 -12.62 -9.28 4.08
C MET A 42 -13.28 -7.91 4.18
N ALA A 43 -13.22 -7.32 5.37
CA ALA A 43 -13.85 -6.04 5.57
C ALA A 43 -13.01 -4.93 4.95
N ARG A 44 -13.70 -4.04 4.26
CA ARG A 44 -13.12 -2.83 3.71
C ARG A 44 -12.56 -1.94 4.80
N VAL A 45 -11.49 -1.22 4.49
CA VAL A 45 -10.86 -0.31 5.42
C VAL A 45 -10.95 1.10 4.82
N ASP A 46 -11.76 1.94 5.46
CA ASP A 46 -12.12 3.24 4.91
C ASP A 46 -11.55 4.42 5.66
N GLY A 47 -10.83 5.27 4.93
CA GLY A 47 -10.30 6.52 5.45
C GLY A 47 -8.95 6.37 6.14
N ARG A 48 -8.19 7.45 6.18
CA ARG A 48 -6.82 7.38 6.67
C ARG A 48 -6.74 6.96 8.15
N GLN A 49 -7.67 7.38 8.99
CA GLN A 49 -7.61 7.00 10.40
C GLN A 49 -7.67 5.49 10.57
N ASN A 50 -8.59 4.85 9.85
CA ASN A 50 -8.72 3.40 9.91
C ASN A 50 -7.59 2.67 9.21
N ILE A 51 -7.05 3.29 8.17
CA ILE A 51 -5.88 2.71 7.51
C ILE A 51 -4.66 2.75 8.45
N GLN A 52 -4.50 3.82 9.22
CA GLN A 52 -3.45 3.85 10.23
C GLN A 52 -3.61 2.70 11.22
N LYS A 53 -4.84 2.46 11.66
CA LYS A 53 -5.14 1.39 12.61
C LYS A 53 -4.81 0.03 12.05
N LEU A 54 -5.07 -0.15 10.75
CA LEU A 54 -4.71 -1.39 10.08
C LEU A 54 -3.20 -1.63 10.15
N TRP A 55 -2.41 -0.66 9.73
CA TRP A 55 -0.98 -0.87 9.69
C TRP A 55 -0.41 -0.94 11.09
N GLN A 56 -0.97 -0.17 12.02
CA GLN A 56 -0.56 -0.29 13.43
C GLN A 56 -0.82 -1.71 13.96
N GLY A 57 -1.98 -2.25 13.61
CA GLY A 57 -2.34 -3.60 14.01
C GLY A 57 -1.37 -4.65 13.50
N LEU A 58 -0.95 -4.51 12.26
CA LEU A 58 0.04 -5.42 11.71
C LEU A 58 1.39 -5.26 12.43
N MET A 59 1.78 -4.03 12.75
CA MET A 59 3.03 -3.81 13.49
C MET A 59 2.97 -4.49 14.85
N ASP A 60 1.84 -4.32 15.51
CA ASP A 60 1.70 -4.79 16.90
C ASP A 60 1.73 -6.31 16.96
N MET A 61 1.20 -6.96 15.94
CA MET A 61 1.17 -8.41 15.96
C MET A 61 2.46 -9.03 15.43
N GLY A 62 3.41 -8.18 15.02
CA GLY A 62 4.77 -8.62 14.74
C GLY A 62 4.99 -8.92 13.27
N VAL A 63 4.09 -8.42 12.41
CA VAL A 63 4.28 -8.58 10.96
C VAL A 63 5.46 -7.73 10.51
N SER A 64 6.31 -8.30 9.66
CA SER A 64 7.54 -7.64 9.29
C SER A 64 7.93 -7.85 7.83
N GLU A 65 9.02 -7.20 7.44
CA GLU A 65 9.66 -7.39 6.14
C GLU A 65 8.69 -7.26 4.97
N PRO A 66 7.95 -6.15 4.92
CA PRO A 66 7.10 -5.95 3.75
C PRO A 66 7.91 -5.81 2.47
N LYS A 67 7.39 -6.40 1.40
CA LYS A 67 7.98 -6.31 0.08
C LYS A 67 6.82 -6.11 -0.91
N PHE A 68 6.94 -5.07 -1.72
CA PHE A 68 5.94 -4.74 -2.74
C PHE A 68 6.65 -4.70 -4.09
N THR A 69 6.15 -5.49 -5.04
CA THR A 69 6.73 -5.55 -6.37
C THR A 69 5.77 -4.91 -7.32
N THR A 70 6.22 -3.82 -7.92
CA THR A 70 5.42 -3.07 -8.89
C THR A 70 5.59 -3.72 -10.26
N LEU A 71 4.50 -4.22 -10.83
CA LEU A 71 4.52 -4.96 -12.09
C LEU A 71 4.14 -4.11 -13.30
N ASN A 72 3.19 -3.19 -13.12
CA ASN A 72 2.75 -2.30 -14.21
C ASN A 72 2.23 -0.99 -13.64
N VAL A 73 2.62 0.12 -14.25
CA VAL A 73 2.10 1.43 -13.89
C VAL A 73 1.84 2.27 -15.13
N GLN A 74 0.63 2.81 -15.20
CA GLN A 74 0.26 3.78 -16.23
C GLN A 74 -0.19 5.07 -15.55
N GLU A 75 0.02 6.19 -16.23
CA GLU A 75 -0.32 7.49 -15.69
C GLU A 75 -1.36 8.13 -16.58
N SER A 76 -2.34 8.74 -15.96
CA SER A 76 -3.44 9.40 -16.69
C SER A 76 -3.99 10.54 -15.86
N GLY A 77 -3.93 11.76 -16.40
CA GLY A 77 -4.34 12.94 -15.65
C GLY A 77 -3.60 13.02 -14.34
N ASP A 78 -4.33 13.15 -13.24
CA ASP A 78 -3.72 13.27 -11.93
C ASP A 78 -3.46 11.91 -11.26
N PHE A 79 -3.58 10.83 -12.02
CA PHE A 79 -3.59 9.49 -11.41
C PHE A 79 -2.54 8.56 -11.94
N ALA A 80 -2.09 7.63 -11.09
CA ALA A 80 -1.25 6.52 -11.54
C ALA A 80 -1.96 5.23 -11.17
N PHE A 81 -2.07 4.34 -12.15
CA PHE A 81 -2.71 3.04 -11.98
C PHE A 81 -1.65 1.93 -11.94
N GLU A 82 -1.70 1.10 -10.91
CA GLU A 82 -0.61 0.13 -10.63
C GLU A 82 -1.16 -1.29 -10.43
N SER A 83 -0.50 -2.26 -11.03
CA SER A 83 -0.59 -3.68 -10.66
C SER A 83 0.69 -4.11 -9.93
N GLY A 84 0.55 -4.93 -8.90
CA GLY A 84 1.71 -5.43 -8.18
C GLY A 84 1.45 -6.67 -7.35
N SER A 85 2.49 -7.10 -6.66
CA SER A 85 2.38 -8.20 -5.72
C SER A 85 2.98 -7.79 -4.38
N PHE A 86 2.61 -8.50 -3.33
CA PHE A 86 3.11 -8.17 -1.99
C PHE A 86 3.47 -9.44 -1.25
N SER A 87 4.41 -9.33 -0.33
CA SER A 87 4.65 -10.39 0.65
C SER A 87 5.07 -9.74 1.96
N LEU A 88 4.59 -10.32 3.06
CA LEU A 88 5.01 -9.90 4.38
C LEU A 88 5.29 -11.17 5.19
N LYS A 89 6.01 -11.01 6.28
CA LYS A 89 6.33 -12.13 7.16
C LYS A 89 5.53 -11.97 8.44
N GLY A 90 4.83 -13.04 8.84
CA GLY A 90 4.07 -13.02 10.09
C GLY A 90 4.50 -14.15 11.01
N PRO A 91 4.35 -13.97 12.34
CA PRO A 91 4.80 -15.03 13.26
C PRO A 91 3.99 -16.32 13.11
N VAL A 98 5.36 -17.29 8.96
CA VAL A 98 4.55 -17.64 7.79
C VAL A 98 4.58 -16.51 6.76
N ASP A 99 4.47 -16.88 5.49
CA ASP A 99 4.41 -15.92 4.41
C ASP A 99 2.98 -15.39 4.27
N ILE A 100 2.86 -14.08 4.21
CA ILE A 100 1.60 -13.41 3.93
C ILE A 100 1.75 -12.76 2.56
N ALA A 101 1.16 -13.33 1.52
CA ALA A 101 1.48 -12.90 0.15
C ALA A 101 0.23 -12.83 -0.73
N GLY A 102 0.32 -12.05 -1.80
CA GLY A 102 -0.82 -11.87 -2.68
C GLY A 102 -0.56 -10.86 -3.78
N ILE A 103 -1.65 -10.38 -4.37
CA ILE A 103 -1.59 -9.44 -5.49
C ILE A 103 -2.53 -8.27 -5.22
N TYR A 104 -2.25 -7.15 -5.88
CA TYR A 104 -3.07 -5.95 -5.72
C TYR A 104 -3.14 -5.15 -7.00
N VAL A 105 -4.18 -4.33 -7.10
CA VAL A 105 -4.15 -3.19 -8.02
C VAL A 105 -4.42 -1.98 -7.15
N GLU A 106 -3.84 -0.86 -7.52
CA GLU A 106 -4.13 0.35 -6.77
C GLU A 106 -3.99 1.59 -7.62
N VAL A 107 -4.65 2.64 -7.14
CA VAL A 107 -4.66 3.93 -7.80
C VAL A 107 -4.06 4.97 -6.88
N TRP A 108 -3.10 5.71 -7.42
CA TRP A 108 -2.45 6.82 -6.72
C TRP A 108 -2.93 8.14 -7.29
N ARG A 109 -2.94 9.17 -6.47
CA ARG A 109 -3.26 10.52 -6.93
C ARG A 109 -2.13 11.47 -6.55
N LYS A 110 -1.85 12.40 -7.44
CA LYS A 110 -0.83 13.41 -7.18
C LYS A 110 -1.32 14.31 -6.04
N GLY A 111 -0.67 14.21 -4.88
CA GLY A 111 -1.06 14.97 -3.70
C GLY A 111 -0.54 16.41 -3.71
N GLY A 115 3.88 14.84 -5.21
CA GLY A 115 3.92 13.62 -4.42
C GLY A 115 2.74 12.69 -4.68
N TRP A 116 3.02 11.41 -4.94
CA TRP A 116 1.96 10.42 -5.13
C TRP A 116 1.41 9.90 -3.80
N LYS A 117 0.09 9.79 -3.70
CA LYS A 117 -0.58 9.28 -2.52
C LYS A 117 -1.59 8.19 -2.89
N LEU A 118 -1.68 7.16 -2.07
CA LEU A 118 -2.64 6.09 -2.35
C LEU A 118 -4.09 6.55 -2.16
N TYR A 119 -4.93 6.17 -3.13
CA TYR A 119 -6.34 6.52 -3.11
C TYR A 119 -7.24 5.28 -3.03
N ARG A 120 -6.95 4.28 -3.84
CA ARG A 120 -7.70 3.03 -3.78
C ARG A 120 -6.76 1.84 -3.89
N THR A 121 -6.93 0.85 -3.02
CA THR A 121 -6.21 -0.42 -3.15
C THR A 121 -7.21 -1.56 -3.11
N ILE A 122 -7.08 -2.51 -4.04
CA ILE A 122 -7.80 -3.78 -3.94
C ILE A 122 -6.76 -4.89 -3.91
N ALA A 123 -6.86 -5.78 -2.94
CA ALA A 123 -5.83 -6.81 -2.74
C ALA A 123 -6.45 -8.15 -2.40
N ASN A 124 -5.77 -9.20 -2.82
CA ASN A 124 -6.16 -10.55 -2.47
C ASN A 124 -5.02 -11.27 -1.79
N LEU A 125 -5.31 -11.92 -0.67
CA LEU A 125 -4.33 -12.77 0.00
C LEU A 125 -4.40 -14.16 -0.60
N ASP A 126 -3.25 -14.67 -1.04
CA ASP A 126 -3.17 -16.00 -1.65
C ASP A 126 -3.80 -17.03 -0.72
N PRO A 127 -4.63 -17.92 -1.28
CA PRO A 127 -5.35 -18.99 -0.59
C PRO A 127 -4.44 -19.87 0.26
C1 EDO B . -0.85 4.86 16.74
O1 EDO B . -1.14 4.05 15.59
C2 EDO B . -1.02 3.99 17.98
O2 EDO B . -0.83 4.73 19.20
H11 EDO B . 0.17 5.24 16.68
H12 EDO B . -1.53 5.71 16.78
HO1 EDO B . -1.04 4.57 14.79
H21 EDO B . -2.02 3.55 17.98
H22 EDO B . -0.30 3.17 17.94
HO2 EDO B . -0.95 4.13 19.95
C1 EDO C . 2.94 -3.17 -20.17
O1 EDO C . 2.25 -1.93 -19.98
C2 EDO C . 2.50 -3.70 -21.52
O2 EDO C . 2.70 -2.61 -22.43
H11 EDO C . 4.02 -3.02 -20.16
H12 EDO C . 2.68 -3.88 -19.38
HO1 EDO C . 2.50 -1.54 -19.13
H21 EDO C . 3.11 -4.56 -21.82
H22 EDO C . 1.45 -4.00 -21.50
HO2 EDO C . 2.43 -2.87 -23.32
C1 EDO D . 2.98 -12.47 -4.01
O1 EDO D . 4.39 -12.69 -4.00
C2 EDO D . 2.26 -13.12 -5.18
O2 EDO D . 2.06 -14.51 -4.91
H11 EDO D . 2.55 -12.86 -3.07
H12 EDO D . 2.79 -11.39 -4.02
HO1 EDO D . 4.78 -12.26 -3.23
H21 EDO D . 1.29 -12.63 -5.34
H22 EDO D . 2.86 -12.99 -6.09
HO2 EDO D . 1.61 -14.92 -5.66
C1 EDO E . -9.00 -5.87 7.02
O1 EDO E . -10.42 -5.85 7.10
C2 EDO E . -8.47 -6.06 8.44
O2 EDO E . -9.05 -7.26 8.97
H11 EDO E . -8.66 -6.69 6.38
H12 EDO E . -8.63 -4.93 6.61
HO1 EDO E . -10.79 -5.73 6.21
H21 EDO E . -7.38 -6.16 8.42
H22 EDO E . -8.73 -5.20 9.05
HO2 EDO E . -8.73 -7.40 9.88
C1 EDO F . 5.68 11.77 -15.92
O1 EDO F . 6.24 13.01 -15.46
C2 EDO F . 6.33 10.60 -15.19
O2 EDO F . 5.83 10.52 -13.85
H11 EDO F . 4.60 11.76 -15.73
H12 EDO F . 5.84 11.67 -16.99
HO1 EDO F . 5.82 13.74 -15.92
H21 EDO F . 6.12 9.68 -15.72
H22 EDO F . 7.42 10.74 -15.17
HO2 EDO F . 6.24 9.78 -13.39
O1 VDY G . -5.33 -10.98 11.43
O2 VDY G . -1.04 -1.18 -1.17
C1 VDY G . -2.34 -11.01 9.27
C2 VDY G . -3.39 -11.58 10.20
C3 VDY G . -4.51 -10.58 10.35
C4 VDY G . -5.24 -10.54 9.01
C5 VDY G . -4.27 -10.00 7.99
C6 VDY G . -4.48 -8.87 7.33
C7 VDY G . -3.61 -8.47 6.22
C8 VDY G . -4.02 -7.60 5.32
C9 VDY G . -5.45 -7.22 5.22
C10 VDY G . -2.98 -10.68 7.94
C11 VDY G . -5.60 -5.86 4.61
C12 VDY G . -4.83 -5.72 3.31
C13 VDY G . -3.39 -5.98 3.54
C14 VDY G . -3.29 -7.45 4.04
C15 VDY G . -1.79 -7.65 4.10
C16 VDY G . -1.23 -6.78 2.96
C17 VDY G . -2.43 -6.03 2.38
C18 VDY G . -2.85 -5.06 4.60
C19 VDY G . -2.63 -11.38 6.89
C20 VDY G . -2.00 -4.70 1.81
C21 VDY G . -3.22 -3.98 1.36
C22 VDY G . -1.12 -4.96 0.61
C23 VDY G . -0.92 -3.80 -0.34
C24 VDY G . 0.07 -2.80 0.18
C25 VDY G . 0.19 -1.58 -0.73
C26 VDY G . 0.83 -0.50 0.09
C27 VDY G . 1.05 -1.89 -1.93
HO1 VDY G . -6.06 -11.52 11.08
HO2 VDY G . -0.97 -0.30 -1.53
H11 VDY G . -1.55 -11.73 9.11
H12 VDY G . -1.93 -10.10 9.71
H21 VDY G . -2.93 -11.79 11.16
H22 VDY G . -3.78 -12.50 9.77
H31 VDY G . -4.09 -9.60 10.56
H41 VDY G . -6.10 -9.87 9.09
H42 VDY G . -5.57 -11.53 8.73
H61 VDY G . -5.34 -8.26 7.58
H71 VDY G . -2.71 -9.02 6.05
H91 VDY G . -5.96 -7.94 4.60
H92 VDY G . -5.89 -7.23 6.21
H111 VDY G . -6.64 -5.66 4.43
H112 VDY G . -5.23 -5.12 5.32
H121 VDY G . -5.20 -6.44 2.60
H122 VDY G . -4.94 -4.72 2.92
H141 VDY G . -3.72 -8.11 3.30
H151 VDY G . -1.55 -8.70 3.93
H152 VDY G . -1.40 -7.34 5.06
H161 VDY G . -0.81 -7.42 2.19
H162 VDY G . -0.48 -6.09 3.32
H171 VDY G . -2.88 -6.61 1.59
H181 VDY G . -3.45 -5.14 5.51
H182 VDY G . -1.83 -5.33 4.82
H183 VDY G . -2.89 -4.03 4.25
H191 VDY G . -3.23 -12.19 6.55
H192 VDY G . -1.64 -11.22 6.47
H201 VDY G . -1.48 -4.11 2.54
H211 VDY G . -3.75 -4.60 0.65
H212 VDY G . -3.85 -3.77 2.22
H213 VDY G . -2.93 -3.06 0.89
H221 VDY G . -0.13 -5.26 0.98
H222 VDY G . -1.54 -5.78 0.05
H231 VDY G . -0.56 -4.17 -1.30
H232 VDY G . -1.87 -3.30 -0.53
H241 VDY G . -0.23 -2.48 1.16
H242 VDY G . 1.04 -3.29 0.27
H261 VDY G . 0.97 0.39 -0.52
H262 VDY G . 0.20 -0.27 0.94
H263 VDY G . 1.80 -0.84 0.44
H271 VDY G . 1.41 -0.97 -2.33
H272 VDY G . 1.89 -2.51 -1.63
H273 VDY G . 0.46 -2.40 -2.68
#